data_9RBW
#
_entry.id   9RBW
#
_cell.length_a   1.00
_cell.length_b   1.00
_cell.length_c   1.00
_cell.angle_alpha   90.00
_cell.angle_beta   90.00
_cell.angle_gamma   90.00
#
_symmetry.space_group_name_H-M   'P 1'
#
_entity_poly.entity_id   1
_entity_poly.type   'polypeptide(L)'
_entity_poly.pdbx_seq_one_letter_code
;RRSSCFGGRMDRIGAQSGLGCNSFRY
;
_entity_poly.pdbx_strand_id   C,D,B,A,E,F,G,H,I,J,K,L,M,N,O,P,Q,R,S,T
#
# COMPACT_ATOMS: atom_id res chain seq x y z
N ARG A 1 -29.40 -29.26 -23.21
CA ARG A 1 -28.14 -28.74 -22.70
C ARG A 1 -27.05 -29.80 -22.76
N ARG A 2 -25.92 -29.46 -23.37
CA ARG A 2 -24.77 -30.35 -23.42
C ARG A 2 -23.62 -29.80 -22.58
N SER A 3 -23.15 -28.60 -22.92
CA SER A 3 -22.09 -27.91 -22.16
C SER A 3 -20.88 -28.82 -21.97
N SER A 4 -20.24 -29.16 -23.09
CA SER A 4 -19.23 -30.21 -23.08
C SER A 4 -18.08 -29.87 -22.14
N CYS A 5 -17.60 -28.63 -22.14
CA CYS A 5 -16.58 -28.31 -21.14
C CYS A 5 -16.71 -26.91 -20.54
N PHE A 6 -17.82 -26.20 -20.77
CA PHE A 6 -18.14 -24.99 -20.03
C PHE A 6 -19.64 -24.74 -20.14
N GLY A 7 -20.17 -24.02 -19.17
CA GLY A 7 -21.59 -23.68 -19.19
C GLY A 7 -22.03 -23.14 -17.86
N GLY A 8 -23.25 -22.59 -17.88
CA GLY A 8 -23.83 -22.03 -16.68
C GLY A 8 -23.15 -20.73 -16.28
N ARG A 9 -23.50 -20.28 -15.07
CA ARG A 9 -22.86 -19.10 -14.49
C ARG A 9 -21.37 -19.37 -14.30
N MET A 10 -20.56 -18.34 -14.54
CA MET A 10 -19.13 -18.46 -14.30
C MET A 10 -18.56 -17.08 -14.00
N ASP A 11 -17.40 -17.09 -13.35
CA ASP A 11 -16.75 -15.87 -12.87
C ASP A 11 -15.32 -15.82 -13.39
N ARG A 12 -14.51 -14.95 -12.80
CA ARG A 12 -13.14 -14.72 -13.24
C ARG A 12 -12.41 -16.03 -13.49
N ILE A 13 -12.04 -16.26 -14.75
CA ILE A 13 -11.31 -17.45 -15.15
C ILE A 13 -10.15 -17.02 -16.03
N GLY A 14 -8.95 -17.48 -15.71
CA GLY A 14 -7.78 -17.15 -16.47
C GLY A 14 -6.56 -17.11 -15.58
N ALA A 15 -5.48 -16.59 -16.14
CA ALA A 15 -4.17 -16.57 -15.48
C ALA A 15 -3.83 -15.12 -15.13
N GLN A 16 -4.29 -14.67 -13.97
CA GLN A 16 -3.84 -13.38 -13.45
C GLN A 16 -2.39 -13.50 -13.00
N SER A 17 -1.63 -12.42 -13.17
CA SER A 17 -0.21 -12.42 -12.86
C SER A 17 0.15 -11.06 -12.26
N GLY A 18 0.14 -10.99 -10.94
CA GLY A 18 0.41 -9.74 -10.26
C GLY A 18 -0.85 -9.03 -9.85
N LEU A 19 -1.19 -9.07 -8.57
CA LEU A 19 -2.42 -8.45 -8.09
C LEU A 19 -2.18 -7.90 -6.70
N GLY A 20 -2.11 -6.57 -6.60
CA GLY A 20 -2.08 -5.90 -5.31
C GLY A 20 -0.88 -6.14 -4.44
N CYS A 21 0.32 -6.17 -5.03
CA CYS A 21 1.56 -6.26 -4.27
C CYS A 21 2.30 -4.94 -4.49
N ASN A 22 1.99 -3.96 -3.64
CA ASN A 22 2.54 -2.62 -3.77
C ASN A 22 3.93 -2.55 -3.16
N SER A 23 4.55 -1.37 -3.26
CA SER A 23 5.85 -1.11 -2.68
C SER A 23 5.83 0.22 -1.95
N PHE A 24 6.45 0.24 -0.76
CA PHE A 24 6.51 1.44 0.07
C PHE A 24 7.97 1.73 0.43
N ARG A 25 8.29 3.01 0.58
CA ARG A 25 9.63 3.43 0.98
C ARG A 25 9.50 4.79 1.65
N TYR A 26 9.64 4.80 2.97
CA TYR A 26 9.54 6.05 3.73
C TYR A 26 10.92 6.57 4.10
N ARG B 1 -11.69 -37.48 -28.23
CA ARG B 1 -11.78 -36.18 -27.58
C ARG B 1 -10.49 -35.82 -26.87
N ARG B 2 -9.47 -35.45 -27.64
CA ARG B 2 -8.18 -35.07 -27.08
C ARG B 2 -8.18 -33.59 -26.70
N SER B 3 -9.16 -33.18 -25.92
CA SER B 3 -9.37 -31.78 -25.57
C SER B 3 -8.58 -31.40 -24.32
N SER B 4 -8.35 -30.10 -24.16
CA SER B 4 -7.62 -29.55 -23.02
C SER B 4 -8.35 -28.31 -22.51
N CYS B 5 -9.65 -28.43 -22.29
CA CYS B 5 -10.47 -27.28 -21.90
C CYS B 5 -10.21 -26.93 -20.44
N PHE B 6 -9.17 -26.15 -20.21
CA PHE B 6 -8.77 -25.75 -18.86
C PHE B 6 -9.13 -24.29 -18.60
N GLY B 7 -8.70 -23.78 -17.44
CA GLY B 7 -9.00 -22.41 -17.07
C GLY B 7 -7.83 -21.45 -17.13
N GLY B 8 -6.64 -21.91 -16.74
CA GLY B 8 -5.46 -21.07 -16.76
C GLY B 8 -4.21 -21.90 -16.89
N ARG B 9 -3.15 -21.27 -17.37
CA ARG B 9 -1.91 -21.98 -17.64
C ARG B 9 -0.79 -20.98 -17.86
N MET B 10 0.42 -21.37 -17.44
CA MET B 10 1.64 -20.59 -17.67
C MET B 10 2.75 -21.59 -17.96
N ASP B 11 2.98 -21.86 -19.24
CA ASP B 11 3.92 -22.88 -19.66
C ASP B 11 5.06 -22.27 -20.46
N ARG B 12 6.18 -23.01 -20.50
CA ARG B 12 7.35 -22.66 -21.31
C ARG B 12 7.84 -21.25 -21.00
N ILE B 13 8.27 -21.06 -19.76
CA ILE B 13 8.78 -19.78 -19.30
C ILE B 13 10.30 -19.81 -19.39
N GLY B 14 10.89 -18.66 -19.71
CA GLY B 14 12.32 -18.59 -19.89
C GLY B 14 13.08 -18.65 -18.59
N ALA B 15 14.40 -18.71 -18.72
CA ALA B 15 15.27 -18.78 -17.55
C ALA B 15 15.34 -17.44 -16.85
N GLN B 16 15.49 -17.49 -15.53
CA GLN B 16 15.59 -16.30 -14.67
C GLN B 16 14.38 -15.38 -14.86
N SER B 17 13.21 -15.99 -15.03
CA SER B 17 11.97 -15.26 -15.29
C SER B 17 11.12 -15.19 -14.04
N GLY B 18 10.58 -14.01 -13.77
CA GLY B 18 9.73 -13.78 -12.61
C GLY B 18 8.27 -13.85 -13.00
N LEU B 19 7.50 -14.46 -12.10
CA LEU B 19 6.04 -14.57 -12.33
C LEU B 19 5.30 -13.99 -11.13
N GLY B 20 5.46 -12.70 -10.86
CA GLY B 20 4.62 -11.99 -9.90
C GLY B 20 5.33 -11.50 -8.64
N CYS B 21 5.53 -10.18 -8.57
CA CYS B 21 6.05 -9.52 -7.38
C CYS B 21 7.38 -10.09 -6.92
N ASN B 22 8.19 -10.53 -7.89
CA ASN B 22 9.52 -11.12 -7.57
C ASN B 22 10.61 -10.07 -7.71
N SER B 23 11.45 -9.91 -6.68
CA SER B 23 12.55 -8.96 -6.69
C SER B 23 13.83 -9.69 -7.09
N PHE B 24 14.59 -9.08 -7.99
CA PHE B 24 15.86 -9.63 -8.45
C PHE B 24 16.95 -8.57 -8.29
N ARG B 25 18.18 -9.04 -8.07
CA ARG B 25 19.32 -8.14 -7.95
C ARG B 25 20.57 -8.92 -8.35
N TYR B 26 21.05 -8.68 -9.56
CA TYR B 26 22.24 -9.37 -10.07
C TYR B 26 23.50 -8.59 -9.71
N ARG C 2 24.88 34.97 18.23
CA ARG C 2 24.17 34.70 19.47
C ARG C 2 23.25 33.50 19.33
N SER C 3 22.31 33.55 18.39
CA SER C 3 21.41 32.44 18.10
C SER C 3 20.72 31.93 19.37
N SER C 4 19.90 32.81 19.94
CA SER C 4 19.38 32.56 21.28
C SER C 4 18.57 31.26 21.35
N CYS C 5 17.72 31.00 20.35
CA CYS C 5 17.05 29.71 20.37
C CYS C 5 16.89 29.07 18.99
N PHE C 6 17.54 29.58 17.96
CA PHE C 6 17.65 28.88 16.68
C PHE C 6 18.83 29.46 15.92
N GLY C 7 19.38 28.66 15.02
CA GLY C 7 20.49 29.11 14.21
C GLY C 7 21.14 27.97 13.48
N GLY C 8 22.02 28.33 12.55
CA GLY C 8 22.73 27.35 11.76
C GLY C 8 21.82 26.63 10.79
N ARG C 9 22.38 25.57 10.19
CA ARG C 9 21.60 24.72 9.29
C ARG C 9 20.47 24.07 10.06
N MET C 10 19.31 23.94 9.40
CA MET C 10 18.18 23.27 10.01
C MET C 10 17.30 22.68 8.92
N ASP C 11 16.51 21.68 9.31
CA ASP C 11 15.69 20.91 8.39
C ASP C 11 14.24 20.93 8.86
N ARG C 12 13.43 20.04 8.31
CA ARG C 12 11.99 19.99 8.60
C ARG C 12 11.73 20.10 10.09
N ILE C 13 11.06 21.17 10.49
CA ILE C 13 10.69 21.42 11.88
C ILE C 13 9.23 21.82 11.92
N GLY C 14 8.46 21.16 12.75
CA GLY C 14 7.05 21.48 12.88
C GLY C 14 6.27 20.23 13.25
N ALA C 15 4.96 20.36 13.18
CA ALA C 15 4.03 19.31 13.58
C ALA C 15 3.34 18.75 12.35
N GLN C 16 3.99 17.77 11.72
CA GLN C 16 3.32 17.02 10.65
C GLN C 16 2.24 16.12 11.25
N SER C 17 1.14 15.95 10.53
CA SER C 17 0.01 15.19 11.03
C SER C 17 -0.58 14.40 9.86
N GLY C 18 -0.16 13.15 9.73
CA GLY C 18 -0.60 12.31 8.64
C GLY C 18 0.40 12.29 7.50
N LEU C 19 1.15 11.19 7.37
CA LEU C 19 2.17 11.09 6.34
C LEU C 19 2.24 9.64 5.85
N GLY C 20 1.75 9.41 4.64
CA GLY C 20 1.93 8.14 3.97
C GLY C 20 1.24 6.95 4.59
N CYS C 21 0.01 7.12 5.07
CA CYS C 21 -0.79 6.01 5.56
C CYS C 21 -1.97 5.85 4.60
N ASN C 22 -1.76 5.08 3.54
CA ASN C 22 -2.74 4.90 2.48
C ASN C 22 -3.78 3.86 2.88
N SER C 23 -4.75 3.65 2.01
CA SER C 23 -5.80 2.66 2.21
C SER C 23 -6.00 1.86 0.93
N PHE C 24 -6.15 0.55 1.08
CA PHE C 24 -6.34 -0.35 -0.05
C PHE C 24 -7.58 -1.19 0.19
N ARG C 25 -8.25 -1.55 -0.91
CA ARG C 25 -9.44 -2.40 -0.83
C ARG C 25 -9.58 -3.11 -2.18
N TYR C 26 -9.26 -4.40 -2.20
CA TYR C 26 -9.34 -5.19 -3.41
C TYR C 26 -10.61 -6.03 -3.43
N ARG D 1 13.01 35.21 31.74
CA ARG D 1 12.77 34.58 30.44
C ARG D 1 11.77 33.45 30.54
N ARG D 2 10.48 33.80 30.63
CA ARG D 2 9.43 32.79 30.66
C ARG D 2 9.09 32.34 29.24
N SER D 3 10.10 31.92 28.49
CA SER D 3 9.95 31.57 27.09
C SER D 3 9.59 30.10 26.93
N SER D 4 9.02 29.78 25.77
CA SER D 4 8.61 28.41 25.43
C SER D 4 9.02 28.11 23.99
N CYS D 5 10.28 28.36 23.66
CA CYS D 5 10.77 28.21 22.29
C CYS D 5 10.95 26.73 21.98
N PHE D 6 9.86 26.09 21.56
CA PHE D 6 9.87 24.67 21.25
C PHE D 6 9.81 24.45 19.74
N GLY D 7 9.67 23.18 19.34
CA GLY D 7 9.64 22.83 17.93
C GLY D 7 8.27 22.42 17.41
N GLY D 8 7.52 21.67 18.22
CA GLY D 8 6.21 21.21 17.79
C GLY D 8 5.33 20.94 19.00
N ARG D 9 4.02 20.98 18.77
CA ARG D 9 3.07 20.85 19.87
C ARG D 9 1.68 20.58 19.30
N MET D 10 0.90 19.79 20.02
CA MET D 10 -0.50 19.52 19.71
C MET D 10 -1.26 19.48 21.04
N ASP D 11 -1.83 20.61 21.42
CA ASP D 11 -2.48 20.74 22.72
C ASP D 11 -3.95 21.04 22.56
N ARG D 12 -4.71 20.75 23.62
CA ARG D 12 -6.14 21.05 23.71
C ARG D 12 -6.91 20.49 22.52
N ILE D 13 -6.90 19.17 22.43
CA ILE D 13 -7.62 18.47 21.35
C ILE D 13 -8.97 18.03 21.88
N GLY D 14 -9.96 18.04 21.00
CA GLY D 14 -11.31 17.70 21.40
C GLY D 14 -11.49 16.21 21.65
N ALA D 15 -12.68 15.87 22.15
CA ALA D 15 -13.00 14.48 22.43
C ALA D 15 -13.25 13.70 21.15
N GLN D 16 -12.89 12.41 21.18
CA GLN D 16 -13.06 11.51 20.05
C GLN D 16 -12.35 12.04 18.80
N SER D 17 -11.19 12.66 19.00
CA SER D 17 -10.44 13.29 17.92
C SER D 17 -9.26 12.41 17.51
N GLY D 18 -9.08 12.27 16.21
CA GLY D 18 -8.00 11.47 15.65
C GLY D 18 -6.83 12.35 15.27
N LEU D 19 -5.63 11.83 15.55
CA LEU D 19 -4.40 12.56 15.19
C LEU D 19 -3.52 11.65 14.34
N GLY D 20 -3.97 11.26 13.15
CA GLY D 20 -3.13 10.61 12.17
C GLY D 20 -3.46 9.16 11.87
N CYS D 21 -4.02 8.92 10.69
CA CYS D 21 -4.27 7.58 10.17
C CYS D 21 -5.10 6.73 11.12
N ASN D 22 -6.04 7.34 11.83
CA ASN D 22 -6.87 6.63 12.79
C ASN D 22 -8.22 6.31 12.16
N SER D 23 -8.63 5.06 12.26
CA SER D 23 -9.91 4.61 11.73
C SER D 23 -10.94 4.59 12.85
N PHE D 24 -12.13 5.11 12.56
CA PHE D 24 -13.23 5.13 13.51
C PHE D 24 -14.46 4.52 12.87
N ARG D 25 -15.32 3.92 13.70
CA ARG D 25 -16.57 3.34 13.22
C ARG D 25 -17.54 3.33 14.39
N TYR D 26 -18.48 4.27 14.37
CA TYR D 26 -19.48 4.37 15.43
C TYR D 26 -20.72 3.54 15.10
N ARG E 1 -30.25 -23.01 -31.52
CA ARG E 1 -29.02 -22.49 -30.94
C ARG E 1 -27.93 -23.57 -30.93
N ARG E 2 -26.77 -23.24 -31.49
CA ARG E 2 -25.62 -24.14 -31.42
C ARG E 2 -24.53 -23.57 -30.51
N SER E 3 -24.03 -22.38 -30.83
CA SER E 3 -23.03 -21.68 -30.01
C SER E 3 -21.84 -22.60 -29.70
N SER E 4 -21.13 -22.96 -30.76
CA SER E 4 -20.12 -24.01 -30.65
C SER E 4 -19.05 -23.66 -29.62
N CYS E 5 -18.56 -22.42 -29.61
CA CYS E 5 -17.62 -22.07 -28.56
C CYS E 5 -17.79 -20.67 -28.00
N PHE E 6 -18.87 -19.97 -28.33
CA PHE E 6 -19.24 -18.73 -27.65
C PHE E 6 -20.73 -18.47 -27.88
N GLY E 7 -21.33 -17.73 -26.97
CA GLY E 7 -22.73 -17.39 -27.11
C GLY E 7 -23.28 -16.81 -25.84
N GLY E 8 -24.49 -16.26 -25.95
CA GLY E 8 -25.16 -15.66 -24.82
C GLY E 8 -24.51 -14.36 -24.39
N ARG E 9 -24.95 -13.89 -23.23
CA ARG E 9 -24.34 -12.70 -22.64
C ARG E 9 -22.88 -12.96 -22.31
N MET E 10 -22.04 -11.95 -22.51
CA MET E 10 -20.64 -12.06 -22.17
C MET E 10 -20.08 -10.69 -21.85
N ASP E 11 -18.97 -10.68 -21.11
CA ASP E 11 -18.36 -9.46 -20.60
C ASP E 11 -16.90 -9.42 -21.02
N ARG E 12 -16.12 -8.54 -20.38
CA ARG E 12 -14.71 -8.33 -20.73
C ARG E 12 -13.98 -9.65 -20.88
N ILE E 13 -13.51 -9.91 -22.11
CA ILE E 13 -12.76 -11.12 -22.42
C ILE E 13 -11.54 -10.71 -23.21
N GLY E 14 -10.38 -11.17 -22.79
CA GLY E 14 -9.15 -10.86 -23.47
C GLY E 14 -7.99 -10.80 -22.48
N ALA E 15 -6.86 -10.30 -22.97
CA ALA E 15 -5.63 -10.26 -22.20
C ALA E 15 -5.29 -8.82 -21.86
N GLN E 16 -5.84 -8.33 -20.75
CA GLN E 16 -5.43 -7.04 -20.23
C GLN E 16 -4.02 -7.15 -19.66
N SER E 17 -3.25 -6.08 -19.81
CA SER E 17 -1.84 -6.09 -19.38
C SER E 17 -1.52 -4.71 -18.79
N GLY E 18 -1.63 -4.61 -17.47
CA GLY E 18 -1.41 -3.35 -16.80
C GLY E 18 -2.70 -2.62 -16.51
N LEU E 19 -3.13 -2.62 -15.26
CA LEU E 19 -4.40 -1.99 -14.89
C LEU E 19 -4.27 -1.40 -13.49
N GLY E 20 -4.19 -0.08 -13.42
CA GLY E 20 -4.26 0.63 -12.15
C GLY E 20 -3.12 0.40 -11.18
N CYS E 21 -1.89 0.34 -11.67
CA CYS E 21 -0.72 0.27 -10.82
C CYS E 21 0.06 1.58 -11.01
N ASN E 22 -0.31 2.58 -10.22
CA ASN E 22 0.24 3.92 -10.32
C ASN E 22 1.59 4.00 -9.60
N SER E 23 2.22 5.17 -9.70
CA SER E 23 3.49 5.43 -9.01
C SER E 23 3.41 6.78 -8.31
N PHE E 24 3.93 6.83 -7.09
CA PHE E 24 3.94 8.04 -6.29
C PHE E 24 5.36 8.33 -5.82
N ARG E 25 5.66 9.62 -5.68
CA ARG E 25 6.98 10.04 -5.19
C ARG E 25 6.81 11.42 -4.55
N TYR E 26 6.84 11.46 -3.23
CA TYR E 26 6.69 12.72 -2.50
C TYR E 26 8.05 13.24 -2.04
N ARG F 1 -12.49 -31.06 -35.32
CA ARG F 1 -12.59 -29.75 -34.68
C ARG F 1 -11.30 -29.40 -33.95
N ARG F 2 -10.28 -28.98 -34.71
CA ARG F 2 -9.02 -28.57 -34.12
C ARG F 2 -9.05 -27.10 -33.74
N SER F 3 -10.07 -26.71 -32.96
CA SER F 3 -10.32 -25.33 -32.60
C SER F 3 -9.56 -24.95 -31.33
N SER F 4 -9.36 -23.64 -31.17
CA SER F 4 -8.68 -23.08 -30.01
C SER F 4 -9.43 -21.87 -29.49
N CYS F 5 -10.74 -22.02 -29.29
CA CYS F 5 -11.60 -20.90 -28.91
C CYS F 5 -11.38 -20.56 -27.44
N PHE F 6 -10.35 -19.74 -27.19
CA PHE F 6 -9.99 -19.36 -25.83
C PHE F 6 -10.40 -17.91 -25.56
N GLY F 7 -10.00 -17.40 -24.40
CA GLY F 7 -10.34 -16.04 -24.00
C GLY F 7 -9.19 -15.04 -24.04
N GLY F 8 -8.00 -15.48 -23.64
CA GLY F 8 -6.84 -14.60 -23.63
C GLY F 8 -5.58 -15.40 -23.75
N ARG F 9 -4.51 -14.73 -24.20
CA ARG F 9 -3.25 -15.41 -24.47
C ARG F 9 -2.16 -14.38 -24.66
N MET F 10 -0.95 -14.73 -24.21
CA MET F 10 0.26 -13.91 -24.42
C MET F 10 1.39 -14.90 -24.71
N ASP F 11 1.65 -15.13 -25.99
CA ASP F 11 2.63 -16.13 -26.39
C ASP F 11 3.77 -15.48 -27.18
N ARG F 12 4.90 -16.18 -27.20
CA ARG F 12 6.07 -15.80 -27.99
C ARG F 12 6.51 -14.37 -27.65
N ILE F 13 6.92 -14.19 -26.41
CA ILE F 13 7.40 -12.89 -25.92
C ILE F 13 8.91 -12.88 -26.00
N GLY F 14 9.47 -11.71 -26.29
CA GLY F 14 10.90 -11.59 -26.46
C GLY F 14 11.64 -11.64 -25.14
N ALA F 15 12.97 -11.67 -25.25
CA ALA F 15 13.82 -11.73 -24.07
C ALA F 15 13.84 -10.39 -23.36
N GLN F 16 13.97 -10.45 -22.03
CA GLN F 16 14.02 -9.26 -21.17
C GLN F 16 12.79 -8.39 -21.36
N SER F 17 11.64 -9.03 -21.55
CA SER F 17 10.40 -8.33 -21.82
C SER F 17 9.52 -8.30 -20.59
N GLY F 18 8.94 -7.13 -20.31
CA GLY F 18 8.07 -6.93 -19.17
C GLY F 18 6.62 -7.05 -19.58
N LEU F 19 5.80 -7.57 -18.68
CA LEU F 19 4.38 -7.82 -18.94
C LEU F 19 3.53 -7.26 -17.80
N GLY F 20 3.74 -5.99 -17.48
CA GLY F 20 2.88 -5.32 -16.53
C GLY F 20 3.54 -4.82 -15.26
N CYS F 21 3.70 -3.51 -15.16
CA CYS F 21 4.18 -2.83 -13.95
C CYS F 21 5.53 -3.38 -13.48
N ASN F 22 6.39 -3.75 -14.42
CA ASN F 22 7.70 -4.31 -14.09
C ASN F 22 8.77 -3.23 -14.21
N SER F 23 9.58 -3.08 -13.17
CA SER F 23 10.66 -2.11 -13.16
C SER F 23 11.97 -2.79 -13.55
N PHE F 24 12.73 -2.15 -14.44
CA PHE F 24 14.02 -2.65 -14.87
C PHE F 24 15.07 -1.58 -14.68
N ARG F 25 16.30 -2.01 -14.46
CA ARG F 25 17.42 -1.08 -14.30
C ARG F 25 18.70 -1.83 -14.69
N TYR F 26 19.20 -1.56 -15.89
CA TYR F 26 20.41 -2.21 -16.38
C TYR F 26 21.65 -1.40 -15.99
N ARG G 2 21.00 42.10 12.60
CA ARG G 2 20.30 41.77 13.84
C ARG G 2 19.42 40.54 13.66
N SER G 3 18.48 40.59 12.72
CA SER G 3 17.61 39.46 12.39
C SER G 3 16.94 38.90 13.65
N SER G 4 16.09 39.73 14.25
CA SER G 4 15.58 39.42 15.59
C SER G 4 14.82 38.11 15.61
N CYS G 5 13.98 37.84 14.61
CA CYS G 5 13.34 36.52 14.59
C CYS G 5 13.20 35.92 13.20
N PHE G 6 13.84 36.49 12.17
CA PHE G 6 13.97 35.83 10.88
C PHE G 6 15.13 36.47 10.14
N GLY G 7 15.70 35.71 9.22
CA GLY G 7 16.80 36.22 8.42
C GLY G 7 17.49 35.11 7.67
N GLY G 8 18.35 35.52 6.74
CA GLY G 8 19.09 34.59 5.93
C GLY G 8 18.21 33.87 4.93
N ARG G 9 18.80 32.85 4.30
CA ARG G 9 18.05 32.00 3.38
C ARG G 9 16.93 31.29 4.13
N MET G 10 15.78 31.15 3.47
CA MET G 10 14.67 30.42 4.05
C MET G 10 13.81 29.83 2.95
N ASP G 11 13.05 28.80 3.31
CA ASP G 11 12.26 28.04 2.37
C ASP G 11 10.80 28.00 2.84
N ARG G 12 10.02 27.08 2.26
CA ARG G 12 8.60 26.98 2.55
C ARG G 12 8.33 27.04 4.04
N ILE G 13 7.62 28.08 4.47
CA ILE G 13 7.25 28.28 5.87
C ILE G 13 5.78 28.64 5.92
N GLY G 14 5.03 27.93 6.74
CA GLY G 14 3.62 28.19 6.88
C GLY G 14 2.87 26.91 7.21
N ALA G 15 1.55 27.00 7.13
CA ALA G 15 0.66 25.91 7.52
C ALA G 15 -0.01 25.36 6.26
N GLN G 16 0.66 24.43 5.60
CA GLN G 16 0.02 23.68 4.52
C GLN G 16 -1.02 22.74 5.09
N SER G 17 -2.12 22.56 4.37
CA SER G 17 -3.24 21.74 4.83
C SER G 17 -3.80 20.97 3.64
N GLY G 18 -3.34 19.74 3.49
CA GLY G 18 -3.74 18.91 2.37
C GLY G 18 -2.75 18.95 1.24
N LEU G 19 -1.98 17.88 1.07
CA LEU G 19 -0.94 17.84 0.05
C LEU G 19 -0.83 16.42 -0.49
N GLY G 20 -1.31 16.20 -1.70
CA GLY G 20 -1.10 14.96 -2.41
C GLY G 20 -1.74 13.73 -1.82
N CYS G 21 -2.97 13.84 -1.34
CA CYS G 21 -3.74 12.70 -0.88
C CYS G 21 -4.92 12.53 -1.85
N ASN G 22 -4.68 11.78 -2.93
CA ASN G 22 -5.65 11.62 -3.99
C ASN G 22 -6.66 10.53 -3.62
N SER G 23 -7.63 10.31 -4.49
CA SER G 23 -8.65 9.29 -4.32
C SER G 23 -8.81 8.52 -5.62
N PHE G 24 -8.92 7.19 -5.51
CA PHE G 24 -9.09 6.32 -6.66
C PHE G 24 -10.30 5.43 -6.45
N ARG G 25 -10.97 5.08 -7.56
CA ARG G 25 -12.13 4.20 -7.51
C ARG G 25 -12.23 3.52 -8.87
N TYR G 26 -11.88 2.25 -8.93
CA TYR G 26 -11.94 1.48 -10.16
C TYR G 26 -13.18 0.61 -10.21
N ARG H 1 8.88 41.84 25.91
CA ARG H 1 8.84 41.14 24.63
C ARG H 1 7.86 39.98 24.67
N ARG H 2 6.57 40.30 24.68
CA ARG H 2 5.53 39.27 24.67
C ARG H 2 5.25 38.82 23.24
N SER H 3 6.30 38.41 22.53
CA SER H 3 6.20 38.06 21.13
C SER H 3 5.88 36.57 20.95
N SER H 4 5.36 36.25 19.77
CA SER H 4 4.99 34.89 19.41
C SER H 4 5.46 34.58 18.00
N CYS H 5 6.73 34.86 17.71
CA CYS H 5 7.28 34.72 16.37
C CYS H 5 7.50 33.24 16.05
N PHE H 6 6.43 32.58 15.60
CA PHE H 6 6.48 31.16 15.29
C PHE H 6 6.48 30.94 13.77
N GLY H 7 6.38 29.67 13.37
CA GLY H 7 6.40 29.32 11.96
C GLY H 7 5.06 28.88 11.39
N GLY H 8 4.29 28.12 12.16
CA GLY H 8 3.01 27.64 11.70
C GLY H 8 2.10 27.36 12.87
N ARG H 9 0.80 27.37 12.59
CA ARG H 9 -0.20 27.21 13.65
C ARG H 9 -1.55 26.93 13.03
N MET H 10 -2.35 26.12 13.73
CA MET H 10 -3.73 25.81 13.36
C MET H 10 -4.54 25.77 14.66
N ASP H 11 -5.14 26.89 15.03
CA ASP H 11 -5.84 27.01 16.29
C ASP H 11 -7.32 27.27 16.07
N ARG H 12 -8.11 26.96 17.10
CA ARG H 12 -9.54 27.25 17.15
C ARG H 12 -10.26 26.68 15.93
N ILE H 13 -10.23 25.36 15.83
CA ILE H 13 -10.87 24.64 14.73
C ILE H 13 -12.24 24.17 15.20
N GLY H 14 -13.20 24.16 14.30
CA GLY H 14 -14.56 23.80 14.65
C GLY H 14 -14.73 22.31 14.87
N ALA H 15 -15.92 21.95 15.33
CA ALA H 15 -16.24 20.56 15.60
C ALA H 15 -16.41 19.78 14.32
N GLN H 16 -16.04 18.50 14.37
CA GLN H 16 -16.14 17.59 13.22
C GLN H 16 -15.40 18.14 12.00
N SER H 17 -14.26 18.77 12.25
CA SER H 17 -13.48 19.40 11.19
C SER H 17 -12.27 18.56 10.84
N GLY H 18 -12.04 18.41 9.54
CA GLY H 18 -10.93 17.64 9.03
C GLY H 18 -9.75 18.54 8.69
N LEU H 19 -8.56 18.04 9.01
CA LEU H 19 -7.33 18.80 8.69
C LEU H 19 -6.38 17.92 7.87
N GLY H 20 -6.80 17.50 6.68
CA GLY H 20 -5.91 16.87 5.73
C GLY H 20 -6.19 15.41 5.42
N CYS H 21 -6.71 15.16 4.22
CA CYS H 21 -6.92 13.82 3.69
C CYS H 21 -7.76 12.94 4.61
N ASN H 22 -8.75 13.55 5.29
CA ASN H 22 -9.60 12.83 6.21
C ASN H 22 -10.91 12.48 5.53
N SER H 23 -11.31 11.21 5.62
CA SER H 23 -12.56 10.74 5.04
C SER H 23 -13.63 10.70 6.12
N PHE H 24 -14.82 11.21 5.78
CA PHE H 24 -15.95 11.20 6.69
C PHE H 24 -17.15 10.58 6.00
N ARG H 25 -18.01 9.96 6.80
CA ARG H 25 -19.24 9.35 6.27
C ARG H 25 -20.27 9.32 7.40
N TYR H 26 -21.22 10.25 7.36
CA TYR H 26 -22.25 10.33 8.37
C TYR H 26 -23.46 9.47 7.99
N ARG I 1 -30.45 -25.92 -26.76
CA ARG I 1 -29.14 -25.33 -26.48
C ARG I 1 -28.05 -26.39 -26.50
N ARG I 2 -26.92 -26.08 -27.12
CA ARG I 2 -25.78 -26.99 -27.12
C ARG I 2 -24.64 -26.45 -26.27
N SER I 3 -24.14 -25.26 -26.59
CA SER I 3 -23.09 -24.58 -25.83
C SER I 3 -21.90 -25.52 -25.59
N SER I 4 -21.24 -25.87 -26.70
CA SER I 4 -20.24 -26.94 -26.66
C SER I 4 -19.11 -26.61 -25.69
N CYS I 5 -18.61 -25.38 -25.68
CA CYS I 5 -17.61 -25.06 -24.67
C CYS I 5 -17.74 -23.65 -24.10
N PHE I 6 -18.83 -22.93 -24.35
CA PHE I 6 -19.14 -21.71 -23.63
C PHE I 6 -20.64 -21.43 -23.78
N GLY I 7 -21.19 -20.70 -22.83
CA GLY I 7 -22.58 -20.33 -22.89
C GLY I 7 -23.05 -19.77 -21.58
N GLY I 8 -24.26 -19.21 -21.62
CA GLY I 8 -24.87 -18.62 -20.45
C GLY I 8 -24.17 -17.33 -20.03
N ARG I 9 -24.55 -16.86 -18.84
CA ARG I 9 -23.90 -15.69 -18.27
C ARG I 9 -22.43 -15.97 -18.03
N MET I 10 -21.59 -14.97 -18.26
CA MET I 10 -20.16 -15.11 -18.00
C MET I 10 -19.57 -13.74 -17.69
N ASP I 11 -18.43 -13.76 -17.02
CA ASP I 11 -17.78 -12.55 -16.53
C ASP I 11 -16.34 -12.52 -17.02
N ARG I 12 -15.52 -11.65 -16.41
CA ARG I 12 -14.13 -11.45 -16.83
C ARG I 12 -13.42 -12.78 -17.04
N ILE I 13 -13.02 -13.03 -18.28
CA ILE I 13 -12.31 -14.24 -18.66
C ILE I 13 -11.12 -13.84 -19.52
N GLY I 14 -9.94 -14.31 -19.15
CA GLY I 14 -8.74 -14.00 -19.91
C GLY I 14 -7.55 -13.98 -18.98
N ALA I 15 -6.44 -13.48 -19.52
CA ALA I 15 -5.16 -13.47 -18.82
C ALA I 15 -4.79 -12.03 -18.48
N GLN I 16 -5.28 -11.55 -17.34
CA GLN I 16 -4.81 -10.27 -16.82
C GLN I 16 -3.39 -10.41 -16.33
N SER I 17 -2.60 -9.34 -16.50
CA SER I 17 -1.18 -9.36 -16.16
C SER I 17 -0.81 -8.00 -15.57
N GLY I 18 -0.85 -7.91 -14.24
CA GLY I 18 -0.57 -6.67 -13.55
C GLY I 18 -1.84 -5.93 -13.20
N LEU I 19 -2.21 -5.95 -11.92
CA LEU I 19 -3.45 -5.31 -11.47
C LEU I 19 -3.23 -4.74 -10.08
N GLY I 20 -3.13 -3.42 -9.99
CA GLY I 20 -3.14 -2.74 -8.71
C GLY I 20 -1.94 -2.99 -7.81
N CYS I 21 -0.74 -3.05 -8.37
CA CYS I 21 0.48 -3.15 -7.58
C CYS I 21 1.26 -1.84 -7.80
N ASN I 22 0.94 -0.85 -6.97
CA ASN I 22 1.51 0.48 -7.09
C ASN I 22 2.89 0.54 -6.44
N SER I 23 3.53 1.70 -6.54
CA SER I 23 4.83 1.94 -5.94
C SER I 23 4.81 3.28 -5.22
N PHE I 24 5.39 3.31 -4.02
CA PHE I 24 5.46 4.51 -3.21
C PHE I 24 6.91 4.78 -2.80
N ARG I 25 7.24 6.06 -2.66
CA ARG I 25 8.58 6.46 -2.24
C ARG I 25 8.46 7.83 -1.58
N TYR I 26 8.57 7.86 -0.26
CA TYR I 26 8.47 9.10 0.49
C TYR I 26 9.86 9.60 0.88
N ARG J 1 -12.13 -34.30 -31.69
CA ARG J 1 -12.16 -32.96 -31.09
C ARG J 1 -10.87 -32.65 -30.37
N ARG J 2 -9.84 -32.29 -31.14
CA ARG J 2 -8.56 -31.89 -30.56
C ARG J 2 -8.58 -30.41 -30.19
N SER J 3 -9.59 -30.01 -29.42
CA SER J 3 -9.82 -28.61 -29.08
C SER J 3 -9.06 -28.22 -27.81
N SER J 4 -8.84 -26.92 -27.66
CA SER J 4 -8.15 -26.36 -26.51
C SER J 4 -8.89 -25.12 -26.01
N CYS J 5 -10.20 -25.25 -25.81
CA CYS J 5 -11.05 -24.12 -25.44
C CYS J 5 -10.82 -23.77 -23.97
N PHE J 6 -9.78 -22.96 -23.73
CA PHE J 6 -9.42 -22.57 -22.37
C PHE J 6 -9.81 -21.10 -22.13
N GLY J 7 -9.40 -20.59 -20.97
CA GLY J 7 -9.72 -19.23 -20.59
C GLY J 7 -8.57 -18.25 -20.64
N GLY J 8 -7.37 -18.69 -20.24
CA GLY J 8 -6.21 -17.83 -20.23
C GLY J 8 -4.94 -18.64 -20.34
N ARG J 9 -3.88 -17.99 -20.80
CA ARG J 9 -2.63 -18.70 -21.06
C ARG J 9 -1.51 -17.68 -21.26
N MET J 10 -0.32 -18.04 -20.82
CA MET J 10 0.90 -17.25 -21.02
C MET J 10 2.03 -18.25 -21.31
N ASP J 11 2.28 -18.51 -22.58
CA ASP J 11 3.25 -19.52 -22.98
C ASP J 11 4.40 -18.90 -23.77
N ARG J 12 5.52 -19.61 -23.79
CA ARG J 12 6.70 -19.26 -24.57
C ARG J 12 7.16 -17.83 -24.26
N ILE J 13 7.57 -17.64 -23.01
CA ILE J 13 8.05 -16.35 -22.55
C ILE J 13 9.57 -16.36 -22.61
N GLY J 14 10.15 -15.20 -22.92
CA GLY J 14 11.58 -15.10 -23.08
C GLY J 14 12.32 -15.15 -21.76
N ALA J 15 13.65 -15.19 -21.87
CA ALA J 15 14.51 -15.25 -20.69
C ALA J 15 14.54 -13.90 -19.99
N GLN J 16 14.67 -13.95 -18.67
CA GLN J 16 14.74 -12.75 -17.81
C GLN J 16 13.51 -11.87 -18.03
N SER J 17 12.36 -12.49 -18.22
CA SER J 17 11.13 -11.77 -18.50
C SER J 17 10.24 -11.72 -17.26
N GLY J 18 9.68 -10.54 -17.00
CA GLY J 18 8.81 -10.31 -15.86
C GLY J 18 7.36 -10.41 -16.27
N LEU J 19 6.53 -10.92 -15.36
CA LEU J 19 5.11 -11.15 -15.62
C LEU J 19 4.27 -10.56 -14.49
N GLY J 20 4.50 -9.29 -14.17
CA GLY J 20 3.65 -8.60 -13.24
C GLY J 20 4.32 -8.10 -11.98
N CYS J 21 4.49 -6.77 -11.89
CA CYS J 21 4.98 -6.10 -10.69
C CYS J 21 6.32 -6.65 -10.22
N ASN J 22 7.19 -7.05 -11.14
CA ASN J 22 8.49 -7.62 -10.81
C ASN J 22 9.55 -6.55 -10.94
N SER J 23 10.37 -6.41 -9.91
CA SER J 23 11.47 -5.45 -9.90
C SER J 23 12.76 -6.16 -10.28
N PHE J 24 13.53 -5.54 -11.18
CA PHE J 24 14.81 -6.07 -11.61
C PHE J 24 15.88 -5.00 -11.43
N ARG J 25 17.11 -5.45 -11.19
CA ARG J 25 18.25 -4.54 -11.06
C ARG J 25 19.51 -5.31 -11.43
N TYR J 26 20.02 -5.05 -12.64
CA TYR J 26 21.22 -5.72 -13.12
C TYR J 26 22.46 -4.94 -12.74
N ARG K 2 23.09 38.49 15.38
CA ARG K 2 22.37 38.21 16.61
C ARG K 2 21.47 37.00 16.46
N SER K 3 20.54 37.04 15.51
CA SER K 3 19.65 35.92 15.20
C SER K 3 18.95 35.41 16.47
N SER K 4 18.12 36.28 17.05
CA SER K 4 17.58 36.02 18.39
C SER K 4 16.80 34.72 18.43
N CYS K 5 15.95 34.45 17.43
CA CYS K 5 15.29 33.15 17.43
C CYS K 5 15.15 32.52 16.05
N PHE K 6 15.80 33.04 15.03
CA PHE K 6 15.93 32.35 13.76
C PHE K 6 17.11 32.94 13.00
N GLY K 7 17.67 32.15 12.10
CA GLY K 7 18.79 32.61 11.30
C GLY K 7 19.45 31.47 10.58
N GLY K 8 20.34 31.84 9.66
CA GLY K 8 21.06 30.87 8.87
C GLY K 8 20.18 30.14 7.88
N ARG K 9 20.75 29.09 7.28
CA ARG K 9 19.99 28.25 6.39
C ARG K 9 18.84 27.58 7.14
N MET K 10 17.70 27.45 6.47
CA MET K 10 16.56 26.76 7.07
C MET K 10 15.70 26.17 5.97
N ASP K 11 14.91 25.16 6.34
CA ASP K 11 14.10 24.38 5.41
C ASP K 11 12.65 24.40 5.87
N ARG K 12 11.84 23.49 5.31
CA ARG K 12 10.42 23.43 5.59
C ARG K 12 10.14 23.53 7.08
N ILE K 13 9.46 24.60 7.48
CA ILE K 13 9.08 24.84 8.87
C ILE K 13 7.62 25.23 8.89
N GLY K 14 6.83 24.57 9.72
CA GLY K 14 5.43 24.87 9.84
C GLY K 14 4.65 23.61 10.19
N ALA K 15 3.34 23.73 10.10
CA ALA K 15 2.43 22.67 10.50
C ALA K 15 1.74 22.10 9.26
N GLN K 16 2.40 21.13 8.62
CA GLN K 16 1.76 20.38 7.56
C GLN K 16 0.68 19.47 8.15
N SER K 17 -0.41 19.30 7.41
CA SER K 17 -1.55 18.53 7.89
C SER K 17 -2.12 17.74 6.72
N GLY K 18 -1.69 16.48 6.59
CA GLY K 18 -2.11 15.64 5.50
C GLY K 18 -1.10 15.63 4.37
N LEU K 19 -0.35 14.54 4.23
CA LEU K 19 0.69 14.45 3.22
C LEU K 19 0.77 13.01 2.72
N GLY K 20 0.30 12.79 1.50
CA GLY K 20 0.50 11.52 0.84
C GLY K 20 -0.19 10.31 1.45
N CYS K 21 -1.42 10.47 1.92
CA CYS K 21 -2.23 9.35 2.39
C CYS K 21 -3.39 9.19 1.42
N ASN K 22 -3.16 8.42 0.37
CA ASN K 22 -4.13 8.23 -0.70
C ASN K 22 -5.16 7.18 -0.31
N SER K 23 -6.14 6.97 -1.19
CA SER K 23 -7.17 5.97 -1.00
C SER K 23 -7.35 5.17 -2.29
N PHE K 24 -7.49 3.86 -2.14
CA PHE K 24 -7.67 2.96 -3.28
C PHE K 24 -8.90 2.10 -3.06
N ARG K 25 -9.56 1.75 -4.15
CA ARG K 25 -10.75 0.90 -4.10
C ARG K 25 -10.87 0.19 -5.45
N TYR K 26 -10.54 -1.10 -5.47
CA TYR K 26 -10.60 -1.89 -6.69
C TYR K 26 -11.87 -2.74 -6.72
N ARG L 1 11.01 38.67 28.96
CA ARG L 1 10.83 38.02 27.67
C ARG L 1 9.84 36.87 27.76
N ARG L 2 8.55 37.21 27.78
CA ARG L 2 7.51 36.19 27.80
C ARG L 2 7.20 35.73 26.38
N SER L 3 8.23 35.32 25.66
CA SER L 3 8.11 34.96 24.25
C SER L 3 7.77 33.48 24.09
N SER L 4 7.22 33.16 22.92
CA SER L 4 6.84 31.79 22.57
C SER L 4 7.28 31.47 21.14
N CYS L 5 8.55 31.76 20.84
CA CYS L 5 9.08 31.60 19.48
C CYS L 5 9.27 30.12 19.18
N PHE L 6 8.20 29.47 18.74
CA PHE L 6 8.23 28.05 18.43
C PHE L 6 8.20 27.82 16.92
N GLY L 7 8.09 26.56 16.52
CA GLY L 7 8.07 26.20 15.12
C GLY L 7 6.73 25.76 14.57
N GLY L 8 5.96 25.02 15.35
CA GLY L 8 4.66 24.54 14.92
C GLY L 8 3.78 24.26 16.10
N ARG L 9 2.47 24.28 15.84
CA ARG L 9 1.50 24.15 16.92
C ARG L 9 0.12 23.86 16.33
N MET L 10 -0.66 23.06 17.05
CA MET L 10 -2.06 22.78 16.70
C MET L 10 -2.84 22.74 18.00
N ASP L 11 -3.43 23.87 18.38
CA ASP L 11 -4.11 23.99 19.66
C ASP L 11 -5.59 24.27 19.47
N ARG L 12 -6.36 23.97 20.52
CA ARG L 12 -7.79 24.26 20.58
C ARG L 12 -8.54 23.69 19.37
N ILE L 13 -8.51 22.37 19.27
CA ILE L 13 -9.19 21.66 18.21
C ILE L 13 -10.55 21.20 18.70
N GLY L 14 -11.53 21.19 17.81
CA GLY L 14 -12.88 20.84 18.18
C GLY L 14 -13.04 19.35 18.42
N ALA L 15 -14.24 19.00 18.90
CA ALA L 15 -14.56 17.61 19.18
C ALA L 15 -14.77 16.83 17.89
N GLN L 16 -14.39 15.55 17.94
CA GLN L 16 -14.53 14.64 16.81
C GLN L 16 -13.80 15.17 15.57
N SER L 17 -12.66 15.80 15.79
CA SER L 17 -11.90 16.43 14.72
C SER L 17 -10.69 15.57 14.35
N GLY L 18 -10.48 15.42 13.05
CA GLY L 18 -9.39 14.64 12.52
C GLY L 18 -8.22 15.53 12.15
N LEU L 19 -7.02 15.02 12.44
CA LEU L 19 -5.80 15.76 12.10
C LEU L 19 -4.88 14.85 11.29
N GLY L 20 -5.30 14.46 10.09
CA GLY L 20 -4.44 13.81 9.13
C GLY L 20 -4.74 12.37 8.84
N CYS L 21 -5.29 12.12 7.64
CA CYS L 21 -5.50 10.77 7.12
C CYS L 21 -6.34 9.91 8.06
N ASN L 22 -7.31 10.51 8.75
CA ASN L 22 -8.15 9.80 9.70
C ASN L 22 -9.48 9.47 9.04
N SER L 23 -9.88 8.21 9.13
CA SER L 23 -11.15 7.75 8.57
C SER L 23 -12.20 7.72 9.68
N PHE L 24 -13.38 8.23 9.36
CA PHE L 24 -14.50 8.24 10.30
C PHE L 24 -15.72 7.61 9.62
N ARG L 25 -16.58 7.01 10.44
CA ARG L 25 -17.81 6.41 9.94
C ARG L 25 -18.82 6.39 11.08
N TYR L 26 -19.77 7.32 11.04
CA TYR L 26 -20.79 7.42 12.09
C TYR L 26 -22.00 6.56 11.73
N ARG M 1 -27.97 -35.56 -15.78
CA ARG M 1 -26.67 -35.00 -15.42
C ARG M 1 -25.58 -36.05 -15.56
N ARG M 2 -24.47 -35.68 -16.20
CA ARG M 2 -23.31 -36.55 -16.33
C ARG M 2 -22.13 -36.04 -15.52
N SER M 3 -21.68 -34.82 -15.82
CA SER M 3 -20.60 -34.16 -15.09
C SER M 3 -19.37 -35.07 -14.99
N SER M 4 -18.78 -35.34 -16.15
CA SER M 4 -17.77 -36.38 -16.23
C SER M 4 -16.58 -36.08 -15.33
N CYS M 5 -16.10 -34.84 -15.29
CA CYS M 5 -15.04 -34.54 -14.34
C CYS M 5 -15.16 -33.18 -13.67
N PHE M 6 -16.28 -32.48 -13.82
CA PHE M 6 -16.58 -31.30 -13.01
C PHE M 6 -18.08 -31.05 -13.04
N GLY M 7 -18.57 -30.38 -12.02
CA GLY M 7 -19.98 -30.06 -11.96
C GLY M 7 -20.38 -29.57 -10.59
N GLY M 8 -21.59 -29.04 -10.52
CA GLY M 8 -22.13 -28.53 -9.28
C GLY M 8 -21.44 -27.24 -8.85
N ARG M 9 -21.73 -26.85 -7.61
CA ARG M 9 -21.08 -25.69 -7.02
C ARG M 9 -19.58 -25.96 -6.89
N MET M 10 -18.79 -24.91 -7.12
CA MET M 10 -17.35 -25.03 -6.97
C MET M 10 -16.77 -23.66 -6.63
N ASP M 11 -15.58 -23.69 -6.03
CA ASP M 11 -14.92 -22.50 -5.52
C ASP M 11 -13.52 -22.41 -6.10
N ARG M 12 -12.68 -21.55 -5.52
CA ARG M 12 -11.33 -21.29 -6.01
C ARG M 12 -10.61 -22.59 -6.34
N ILE M 13 -10.29 -22.76 -7.63
CA ILE M 13 -9.58 -23.93 -8.12
C ILE M 13 -8.45 -23.45 -9.02
N GLY M 14 -7.25 -23.92 -8.77
CA GLY M 14 -6.11 -23.54 -9.57
C GLY M 14 -4.85 -23.53 -8.73
N ALA M 15 -3.80 -22.98 -9.32
CA ALA M 15 -2.47 -22.97 -8.71
C ALA M 15 -2.12 -21.54 -8.31
N GLN M 16 -2.53 -21.14 -7.12
CA GLN M 16 -2.06 -19.88 -6.56
C GLN M 16 -0.60 -20.00 -6.18
N SER M 17 0.15 -18.91 -6.34
CA SER M 17 1.59 -18.91 -6.09
C SER M 17 1.97 -17.58 -5.46
N GLY M 18 2.02 -17.56 -4.13
CA GLY M 18 2.31 -16.35 -3.40
C GLY M 18 1.06 -15.65 -2.91
N LEU M 19 0.79 -15.75 -1.61
CA LEU M 19 -0.43 -15.17 -1.06
C LEU M 19 -0.14 -14.68 0.34
N GLY M 20 -0.07 -13.36 0.50
CA GLY M 20 0.01 -12.75 1.81
C GLY M 20 1.26 -13.01 2.62
N CYS M 21 2.42 -13.01 1.97
CA CYS M 21 3.70 -13.12 2.67
C CYS M 21 4.42 -11.79 2.47
N ASN M 22 4.14 -10.85 3.38
CA ASN M 22 4.67 -9.49 3.29
C ASN M 22 6.09 -9.44 3.84
N SER M 23 6.69 -8.25 3.77
CA SER M 23 8.04 -8.01 4.29
C SER M 23 8.04 -6.71 5.09
N PHE M 24 8.71 -6.74 6.24
CA PHE M 24 8.80 -5.57 7.11
C PHE M 24 10.26 -5.30 7.42
N ARG M 25 10.57 -4.02 7.62
CA ARG M 25 11.93 -3.61 7.97
C ARG M 25 11.83 -2.28 8.71
N TYR M 26 12.02 -2.32 10.03
CA TYR M 26 11.95 -1.11 10.85
C TYR M 26 13.34 -0.60 11.17
N ARG N 1 -10.87 -43.82 -20.85
CA ARG N 1 -10.83 -42.48 -20.27
C ARG N 1 -9.49 -42.20 -19.60
N ARG N 2 -8.49 -41.89 -20.42
CA ARG N 2 -7.17 -41.52 -19.92
C ARG N 2 -7.14 -40.05 -19.53
N SER N 3 -8.09 -39.64 -18.70
CA SER N 3 -8.27 -38.24 -18.33
C SER N 3 -7.42 -37.88 -17.11
N SER N 4 -7.17 -36.59 -16.96
CA SER N 4 -6.39 -36.05 -15.85
C SER N 4 -7.08 -34.80 -15.29
N CYS N 5 -8.37 -34.91 -15.01
CA CYS N 5 -9.17 -33.77 -14.58
C CYS N 5 -8.84 -33.43 -13.12
N PHE N 6 -7.78 -32.65 -12.93
CA PHE N 6 -7.31 -32.27 -11.61
C PHE N 6 -7.65 -30.81 -11.32
N GLY N 7 -7.17 -30.31 -10.18
CA GLY N 7 -7.44 -28.95 -9.77
C GLY N 7 -6.26 -27.99 -9.89
N GLY N 8 -5.06 -28.46 -9.57
CA GLY N 8 -3.88 -27.63 -9.63
C GLY N 8 -2.64 -28.47 -9.83
N ARG N 9 -1.59 -27.83 -10.35
CA ARG N 9 -0.38 -28.56 -10.69
C ARG N 9 0.74 -27.56 -10.95
N MET N 10 1.96 -27.95 -10.58
CA MET N 10 3.18 -27.18 -10.87
C MET N 10 4.27 -28.19 -11.23
N ASP N 11 4.43 -28.45 -12.52
CA ASP N 11 5.35 -29.47 -12.99
C ASP N 11 6.46 -28.86 -13.83
N ARG N 12 7.56 -29.59 -13.94
CA ARG N 12 8.69 -29.26 -14.80
C ARG N 12 9.20 -27.85 -14.50
N ILE N 13 9.69 -27.67 -13.28
CA ILE N 13 10.24 -26.40 -12.83
C ILE N 13 11.74 -26.43 -13.00
N GLY N 14 12.32 -25.28 -13.34
CA GLY N 14 13.74 -25.21 -13.59
C GLY N 14 14.56 -25.29 -12.32
N ALA N 15 15.88 -25.36 -12.51
CA ALA N 15 16.80 -25.44 -11.40
C ALA N 15 16.91 -24.10 -10.68
N GLN N 16 17.13 -24.17 -9.36
CA GLN N 16 17.27 -22.98 -8.51
C GLN N 16 16.05 -22.06 -8.63
N SER N 17 14.90 -22.72 -8.74
CA SER N 17 13.64 -21.98 -8.92
C SER N 17 12.88 -21.85 -7.61
N GLY N 18 12.33 -20.68 -7.35
CA GLY N 18 11.54 -20.45 -6.15
C GLY N 18 10.05 -20.52 -6.47
N LEU N 19 9.27 -21.01 -5.51
CA LEU N 19 7.85 -21.21 -5.67
C LEU N 19 7.08 -20.62 -4.49
N GLY N 20 7.36 -19.36 -4.18
CA GLY N 20 6.58 -18.66 -3.19
C GLY N 20 7.34 -18.19 -1.96
N CYS N 21 7.55 -16.87 -1.88
CA CYS N 21 8.13 -16.22 -0.72
C CYS N 21 9.49 -16.80 -0.33
N ASN N 22 10.28 -17.22 -1.31
CA ASN N 22 11.58 -17.81 -1.07
C ASN N 22 12.67 -16.76 -1.26
N SER N 23 13.55 -16.64 -0.28
CA SER N 23 14.67 -15.71 -0.34
C SER N 23 15.92 -16.43 -0.80
N PHE N 24 16.64 -15.82 -1.73
CA PHE N 24 17.88 -16.37 -2.26
C PHE N 24 18.98 -15.32 -2.13
N ARG N 25 20.21 -15.79 -1.98
CA ARG N 25 21.37 -14.90 -1.91
C ARG N 25 22.59 -15.70 -2.37
N TYR N 26 23.03 -15.44 -3.59
CA TYR N 26 24.17 -16.13 -4.16
C TYR N 26 25.46 -15.37 -3.86
N ARG O 2 28.27 28.14 24.07
CA ARG O 2 27.60 27.87 25.34
C ARG O 2 26.68 26.66 25.23
N SER O 3 25.69 26.73 24.33
CA SER O 3 24.78 25.63 24.07
C SER O 3 24.16 25.10 25.37
N SER O 4 23.36 25.98 26.00
CA SER O 4 22.91 25.70 27.36
C SER O 4 22.11 24.41 27.44
N CYS O 5 21.20 24.16 26.49
CA CYS O 5 20.53 22.86 26.52
C CYS O 5 20.30 22.25 25.15
N PHE O 6 20.90 22.78 24.08
CA PHE O 6 20.94 22.10 22.79
C PHE O 6 22.09 22.70 21.98
N GLY O 7 22.58 21.91 21.04
CA GLY O 7 23.65 22.37 20.19
C GLY O 7 24.26 21.23 19.41
N GLY O 8 25.08 21.61 18.44
CA GLY O 8 25.76 20.64 17.61
C GLY O 8 24.80 19.93 16.65
N ARG O 9 25.32 18.89 16.02
CA ARG O 9 24.50 18.06 15.15
C ARG O 9 23.39 17.40 15.96
N MET O 10 22.22 17.28 15.36
CA MET O 10 21.11 16.60 16.01
C MET O 10 20.17 16.03 14.95
N ASP O 11 19.40 15.03 15.36
CA ASP O 11 18.52 14.28 14.48
C ASP O 11 17.10 14.30 15.02
N ARG O 12 16.26 13.41 14.49
CA ARG O 12 14.84 13.36 14.86
C ARG O 12 14.66 13.44 16.37
N ILE O 13 14.01 14.51 16.82
CA ILE O 13 13.72 14.73 18.23
C ILE O 13 12.26 15.15 18.35
N GLY O 14 11.54 14.48 19.22
CA GLY O 14 10.14 14.79 19.42
C GLY O 14 9.37 13.54 19.81
N ALA O 15 8.05 13.67 19.80
CA ALA O 15 7.15 12.61 20.23
C ALA O 15 6.40 12.08 19.03
N GLN O 16 7.00 11.10 18.35
CA GLN O 16 6.28 10.38 17.31
C GLN O 16 5.23 9.48 17.95
N SER O 17 4.10 9.32 17.28
CA SER O 17 2.97 8.55 17.82
C SER O 17 2.33 7.79 16.67
N GLY O 18 2.75 6.53 16.50
CA GLY O 18 2.25 5.71 15.42
C GLY O 18 3.19 5.71 14.23
N LEU O 19 3.92 4.60 14.04
CA LEU O 19 4.90 4.52 12.96
C LEU O 19 4.93 3.09 12.44
N GLY O 20 4.37 2.88 11.26
CA GLY O 20 4.52 1.62 10.56
C GLY O 20 3.86 0.42 11.20
N CYS O 21 2.66 0.58 11.74
CA CYS O 21 1.88 -0.54 12.25
C CYS O 21 0.65 -0.67 11.35
N ASN O 22 0.81 -1.43 10.27
CA ASN O 22 -0.23 -1.59 9.26
C ASN O 22 -1.25 -2.63 9.70
N SER O 23 -2.28 -2.82 8.87
CA SER O 23 -3.31 -3.82 9.11
C SER O 23 -3.57 -4.59 7.83
N PHE O 24 -3.71 -5.91 7.96
CA PHE O 24 -3.97 -6.79 6.83
C PHE O 24 -5.21 -7.64 7.11
N ARG O 25 -5.93 -7.96 6.05
CA ARG O 25 -7.12 -8.82 6.17
C ARG O 25 -7.32 -9.50 4.82
N TYR O 26 -7.00 -10.80 4.77
CA TYR O 26 -7.15 -11.56 3.54
C TYR O 26 -8.43 -12.40 3.58
N ARG P 1 16.68 28.97 37.86
CA ARG P 1 16.38 28.33 36.58
C ARG P 1 15.35 27.23 36.73
N ARG P 2 14.09 27.61 36.86
CA ARG P 2 13.01 26.62 36.92
C ARG P 2 12.64 26.17 35.52
N SER P 3 13.64 25.72 34.76
CA SER P 3 13.46 25.36 33.36
C SER P 3 13.07 23.89 33.21
N SER P 4 12.47 23.57 32.07
CA SER P 4 12.04 22.21 31.75
C SER P 4 12.42 21.88 30.32
N CYS P 5 13.69 22.11 29.96
CA CYS P 5 14.15 21.94 28.58
C CYS P 5 14.30 20.45 28.29
N PHE P 6 13.19 19.83 27.89
CA PHE P 6 13.17 18.41 27.59
C PHE P 6 13.09 18.17 26.09
N GLY P 7 12.92 16.90 25.70
CA GLY P 7 12.86 16.54 24.30
C GLY P 7 11.48 16.14 23.80
N GLY P 8 10.72 15.42 24.62
CA GLY P 8 9.40 14.97 24.23
C GLY P 8 8.53 14.74 25.46
N ARG P 9 7.22 14.78 25.24
CA ARG P 9 6.29 14.68 26.35
C ARG P 9 4.89 14.44 25.81
N MET P 10 4.10 13.66 26.56
CA MET P 10 2.69 13.41 26.26
C MET P 10 1.96 13.40 27.60
N ASP P 11 1.42 14.54 27.99
CA ASP P 11 0.78 14.69 29.29
C ASP P 11 -0.69 15.02 29.15
N ARG P 12 -1.43 14.74 30.23
CA ARG P 12 -2.85 15.08 30.34
C ARG P 12 -3.66 14.52 29.16
N ILE P 13 -3.68 13.20 29.08
CA ILE P 13 -4.41 12.50 28.04
C ILE P 13 -5.76 12.08 28.58
N GLY P 14 -6.77 12.10 27.72
CA GLY P 14 -8.12 11.78 28.15
C GLY P 14 -8.32 10.31 28.41
N ALA P 15 -9.50 9.99 28.93
CA ALA P 15 -9.85 8.62 29.24
C ALA P 15 -10.12 7.83 27.96
N GLN P 16 -9.79 6.53 28.00
CA GLN P 16 -9.99 5.62 26.87
C GLN P 16 -9.30 6.13 25.61
N SER P 17 -8.13 6.73 25.80
CA SER P 17 -7.38 7.33 24.70
C SER P 17 -6.22 6.43 24.28
N GLY P 18 -6.07 6.27 22.98
CA GLY P 18 -5.00 5.45 22.41
C GLY P 18 -3.82 6.31 21.99
N LEU P 19 -2.62 5.75 22.14
CA LEU P 19 -1.38 6.46 21.86
C LEU P 19 -0.48 5.62 20.96
N GLY P 20 -1.02 5.15 19.85
CA GLY P 20 -0.21 4.48 18.86
C GLY P 20 -0.56 3.03 18.58
N CYS P 21 -1.16 2.79 17.41
CA CYS P 21 -1.43 1.45 16.90
C CYS P 21 -2.25 0.62 17.88
N ASN P 22 -3.18 1.25 18.60
CA ASN P 22 -4.01 0.57 19.58
C ASN P 22 -5.37 0.26 18.97
N SER P 23 -5.80 -0.99 19.09
CA SER P 23 -7.09 -1.41 18.58
C SER P 23 -8.11 -1.41 19.72
N PHE P 24 -9.29 -0.86 19.45
CA PHE P 24 -10.38 -0.82 20.42
C PHE P 24 -11.62 -1.42 19.79
N ARG P 25 -12.47 -1.99 20.65
CA ARG P 25 -13.74 -2.56 20.19
C ARG P 25 -14.71 -2.54 21.37
N TYR P 26 -15.63 -1.58 21.37
CA TYR P 26 -16.60 -1.46 22.44
C TYR P 26 -17.86 -2.27 22.13
N ARG Q 1 -28.66 -32.24 -19.55
CA ARG Q 1 -27.41 -31.76 -18.96
C ARG Q 1 -26.32 -32.82 -19.05
N ARG Q 2 -25.21 -32.47 -19.70
CA ARG Q 2 -24.05 -33.35 -19.78
C ARG Q 2 -22.88 -32.81 -18.96
N SER Q 3 -22.43 -31.59 -19.28
CA SER Q 3 -21.36 -30.92 -18.54
C SER Q 3 -20.13 -31.83 -18.39
N SER Q 4 -19.52 -32.14 -19.53
CA SER Q 4 -18.50 -33.19 -19.57
C SER Q 4 -17.34 -32.86 -18.64
N CYS Q 5 -16.86 -31.62 -18.62
CA CYS Q 5 -15.82 -31.30 -17.65
C CYS Q 5 -15.94 -29.93 -17.02
N PHE Q 6 -17.06 -29.22 -17.22
CA PHE Q 6 -17.36 -28.03 -16.44
C PHE Q 6 -18.86 -27.78 -16.53
N GLY Q 7 -19.38 -27.08 -15.52
CA GLY Q 7 -20.79 -26.74 -15.51
C GLY Q 7 -21.22 -26.22 -14.16
N GLY Q 8 -22.43 -25.69 -14.13
CA GLY Q 8 -22.99 -25.14 -12.91
C GLY Q 8 -22.31 -23.85 -12.50
N ARG Q 9 -22.63 -23.42 -11.29
CA ARG Q 9 -21.98 -22.26 -10.70
C ARG Q 9 -20.49 -22.52 -10.54
N MET Q 10 -19.69 -21.48 -10.78
CA MET Q 10 -18.25 -21.59 -10.58
C MET Q 10 -17.68 -20.23 -10.27
N ASP Q 11 -16.50 -20.24 -9.64
CA ASP Q 11 -15.84 -19.03 -9.16
C ASP Q 11 -14.43 -18.96 -9.70
N ARG Q 12 -13.61 -18.09 -9.12
CA ARG Q 12 -12.25 -17.86 -9.59
C ARG Q 12 -11.52 -19.16 -9.87
N ILE Q 13 -11.18 -19.37 -11.14
CA ILE Q 13 -10.46 -20.56 -11.58
C ILE Q 13 -9.31 -20.11 -12.48
N GLY Q 14 -8.11 -20.56 -12.19
CA GLY Q 14 -6.95 -20.21 -12.98
C GLY Q 14 -5.71 -20.18 -12.11
N ALA Q 15 -4.65 -19.65 -12.68
CA ALA Q 15 -3.34 -19.63 -12.05
C ALA Q 15 -2.98 -18.19 -11.69
N GLN Q 16 -3.42 -17.75 -10.51
CA GLN Q 16 -2.97 -16.49 -9.98
C GLN Q 16 -1.51 -16.60 -9.56
N SER Q 17 -0.75 -15.52 -9.74
CA SER Q 17 0.68 -15.52 -9.45
C SER Q 17 1.05 -14.17 -8.85
N GLY Q 18 1.07 -14.11 -7.51
CA GLY Q 18 1.36 -12.89 -6.81
C GLY Q 18 0.09 -12.17 -6.37
N LEU Q 19 -0.22 -12.24 -5.08
CA LEU Q 19 -1.44 -11.65 -4.56
C LEU Q 19 -1.17 -11.11 -3.16
N GLY Q 20 -1.09 -9.78 -3.04
CA GLY Q 20 -1.05 -9.14 -1.74
C GLY Q 20 0.18 -9.39 -0.90
N CYS Q 21 1.36 -9.41 -1.52
CA CYS Q 21 2.62 -9.50 -0.80
C CYS Q 21 3.35 -8.18 -1.00
N ASN Q 22 3.06 -7.21 -0.14
CA ASN Q 22 3.59 -5.87 -0.24
C ASN Q 22 5.01 -5.80 0.33
N SER Q 23 5.61 -4.62 0.25
CA SER Q 23 6.93 -4.37 0.80
C SER Q 23 6.93 -3.05 1.55
N PHE Q 24 7.57 -3.05 2.72
CA PHE Q 24 7.65 -1.87 3.56
C PHE Q 24 9.11 -1.58 3.90
N ARG Q 25 9.42 -0.29 4.07
CA ARG Q 25 10.77 0.12 4.44
C ARG Q 25 10.65 1.47 5.14
N TYR Q 26 10.82 1.46 6.46
CA TYR Q 26 10.73 2.68 7.25
C TYR Q 26 12.12 3.21 7.59
N ARG R 1 -11.25 -40.82 -24.64
CA ARG R 1 -11.21 -39.48 -24.07
C ARG R 1 -9.89 -39.19 -23.40
N ARG R 2 -8.87 -38.89 -24.20
CA ARG R 2 -7.56 -38.51 -23.66
C ARG R 2 -7.55 -37.04 -23.29
N SER R 3 -8.52 -36.62 -22.49
CA SER R 3 -8.71 -35.22 -22.15
C SER R 3 -7.90 -34.85 -20.90
N SER R 4 -7.66 -33.54 -20.75
CA SER R 4 -6.91 -33.00 -19.63
C SER R 4 -7.62 -31.75 -19.10
N CYS R 5 -8.92 -31.85 -18.85
CA CYS R 5 -9.73 -30.70 -18.46
C CYS R 5 -9.45 -30.36 -17.00
N PHE R 6 -8.39 -29.57 -16.79
CA PHE R 6 -7.98 -29.18 -15.46
C PHE R 6 -8.33 -27.72 -15.19
N GLY R 7 -7.87 -27.21 -14.04
CA GLY R 7 -8.16 -25.84 -13.65
C GLY R 7 -6.98 -24.88 -13.74
N GLY R 8 -5.79 -25.35 -13.37
CA GLY R 8 -4.61 -24.51 -13.41
C GLY R 8 -3.36 -25.36 -13.56
N ARG R 9 -2.30 -24.72 -14.05
CA ARG R 9 -1.07 -25.44 -14.35
C ARG R 9 0.05 -24.46 -14.59
N MET R 10 1.27 -24.84 -14.18
CA MET R 10 2.49 -24.08 -14.43
C MET R 10 3.59 -25.09 -14.75
N ASP R 11 3.79 -25.36 -16.03
CA ASP R 11 4.72 -26.38 -16.46
C ASP R 11 5.86 -25.78 -17.27
N ARG R 12 6.96 -26.52 -17.33
CA ARG R 12 8.12 -26.19 -18.16
C ARG R 12 8.63 -24.78 -17.86
N ILE R 13 9.07 -24.59 -16.63
CA ILE R 13 9.61 -23.31 -16.18
C ILE R 13 11.12 -23.35 -16.28
N GLY R 14 11.70 -22.20 -16.63
CA GLY R 14 13.14 -22.14 -16.83
C GLY R 14 13.92 -22.20 -15.53
N ALA R 15 15.24 -22.27 -15.69
CA ALA R 15 16.13 -22.34 -14.54
C ALA R 15 16.21 -20.99 -13.83
N GLN R 16 16.39 -21.05 -12.51
CA GLN R 16 16.50 -19.86 -11.67
C GLN R 16 15.29 -18.94 -11.83
N SER R 17 14.15 -19.58 -12.02
CA SER R 17 12.90 -18.82 -12.23
C SER R 17 12.15 -18.67 -10.90
N GLY R 18 11.52 -17.54 -10.69
CA GLY R 18 10.70 -17.30 -9.52
C GLY R 18 9.22 -17.37 -9.89
N LEU R 19 8.45 -17.94 -8.96
CA LEU R 19 7.00 -18.06 -9.18
C LEU R 19 6.27 -17.47 -7.98
N GLY R 20 6.46 -16.20 -7.69
CA GLY R 20 5.65 -15.48 -6.73
C GLY R 20 6.36 -15.00 -5.49
N CYS R 21 6.57 -13.68 -5.42
CA CYS R 21 7.12 -13.02 -4.23
C CYS R 21 8.46 -13.60 -3.81
N ASN R 22 9.28 -14.01 -4.76
CA ASN R 22 10.58 -14.61 -4.46
C ASN R 22 11.67 -13.56 -4.63
N SER R 23 12.52 -13.44 -3.62
CA SER R 23 13.64 -12.50 -3.66
C SER R 23 14.90 -13.23 -4.07
N PHE R 24 15.65 -12.62 -4.98
CA PHE R 24 16.91 -13.18 -5.46
C PHE R 24 18.01 -12.14 -5.31
N ARG R 25 19.24 -12.61 -5.12
CA ARG R 25 20.39 -11.71 -5.02
C ARG R 25 21.62 -12.51 -5.44
N TYR R 26 22.09 -12.27 -6.65
CA TYR R 26 23.26 -12.96 -7.17
C TYR R 26 24.54 -12.20 -6.84
N ARG S 2 26.51 31.48 21.36
CA ARG S 2 25.79 31.23 22.60
C ARG S 2 24.85 30.04 22.47
N SER S 3 23.90 30.11 21.53
CA SER S 3 22.97 29.02 21.24
C SER S 3 22.29 28.53 22.53
N SER S 4 21.48 29.43 23.10
CA SER S 4 20.96 29.19 24.44
C SER S 4 20.14 27.92 24.52
N CYS S 5 19.27 27.66 23.53
CA CYS S 5 18.57 26.38 23.56
C CYS S 5 18.39 25.74 22.19
N PHE S 6 19.05 26.24 21.15
CA PHE S 6 19.15 25.53 19.87
C PHE S 6 20.33 26.08 19.10
N GLY S 7 20.86 25.26 18.21
CA GLY S 7 21.98 25.69 17.38
C GLY S 7 22.60 24.52 16.67
N GLY S 8 23.48 24.86 15.72
CA GLY S 8 24.17 23.86 14.95
C GLY S 8 23.25 23.16 13.97
N ARG S 9 23.78 22.08 13.39
CA ARG S 9 22.98 21.24 12.50
C ARG S 9 21.83 20.62 13.27
N MET S 10 20.68 20.51 12.63
CA MET S 10 19.53 19.86 13.24
C MET S 10 18.63 19.28 12.15
N ASP S 11 17.82 18.30 12.55
CA ASP S 11 16.98 17.55 11.63
C ASP S 11 15.53 17.61 12.11
N ARG S 12 14.70 16.72 11.57
CA ARG S 12 13.27 16.70 11.87
C ARG S 12 13.02 16.82 13.37
N ILE S 13 12.36 17.92 13.76
CA ILE S 13 12.02 18.17 15.15
C ILE S 13 10.57 18.61 15.19
N GLY S 14 9.78 17.97 16.04
CA GLY S 14 8.39 18.32 16.17
C GLY S 14 7.58 17.09 16.55
N ALA S 15 6.27 17.24 16.47
CA ALA S 15 5.33 16.21 16.89
C ALA S 15 4.61 15.65 15.66
N GLN S 16 5.24 14.66 15.03
CA GLN S 16 4.55 13.92 13.98
C GLN S 16 3.46 13.05 14.59
N SER S 17 2.36 12.90 13.87
CA SER S 17 1.19 12.16 14.37
C SER S 17 0.59 11.38 13.21
N GLY S 18 0.99 10.12 13.09
CA GLY S 18 0.53 9.27 12.01
C GLY S 18 1.52 9.22 10.87
N LEU S 19 2.24 8.11 10.74
CA LEU S 19 3.27 7.98 9.71
C LEU S 19 3.30 6.54 9.23
N GLY S 20 2.80 6.31 8.02
CA GLY S 20 2.95 5.03 7.36
C GLY S 20 2.24 3.86 7.99
N CYS S 21 1.03 4.05 8.47
CA CYS S 21 0.19 2.96 8.97
C CYS S 21 -1.00 2.82 8.02
N ASN S 22 -0.80 2.04 6.96
CA ASN S 22 -1.78 1.87 5.91
C ASN S 22 -2.85 0.86 6.33
N SER S 23 -3.83 0.67 5.45
CA SER S 23 -4.89 -0.30 5.66
C SER S 23 -5.11 -1.10 4.39
N PHE S 24 -5.29 -2.42 4.55
CA PHE S 24 -5.51 -3.32 3.43
C PHE S 24 -6.77 -4.14 3.68
N ARG S 25 -7.45 -4.48 2.58
CA ARG S 25 -8.65 -5.30 2.67
C ARG S 25 -8.81 -6.03 1.33
N TYR S 26 -8.52 -7.32 1.32
CA TYR S 26 -8.62 -8.11 0.11
C TYR S 26 -9.90 -8.93 0.10
N ARG T 1 14.62 32.20 35.05
CA ARG T 1 14.39 31.57 33.76
C ARG T 1 13.37 30.43 33.87
N ARG T 2 12.10 30.79 34.01
CA ARG T 2 11.04 29.79 34.06
C ARG T 2 10.68 29.34 32.66
N SER T 3 11.68 28.91 31.89
CA SER T 3 11.52 28.57 30.48
C SER T 3 11.15 27.10 30.32
N SER T 4 10.57 26.79 29.18
CA SER T 4 10.15 25.43 28.83
C SER T 4 10.55 25.12 27.39
N CYS T 5 11.80 25.37 27.05
CA CYS T 5 12.28 25.22 25.67
C CYS T 5 12.46 23.74 25.35
N PHE T 6 11.35 23.11 24.95
CA PHE T 6 11.36 21.68 24.63
C PHE T 6 11.28 21.47 23.12
N GLY T 7 11.13 20.21 22.73
CA GLY T 7 11.08 19.86 21.32
C GLY T 7 9.71 19.44 20.81
N GLY T 8 8.96 18.69 21.62
CA GLY T 8 7.65 18.25 21.21
C GLY T 8 6.78 17.99 22.42
N ARG T 9 5.47 18.01 22.21
CA ARG T 9 4.53 17.89 23.31
C ARG T 9 3.14 17.64 22.76
N MET T 10 2.35 16.84 23.49
CA MET T 10 0.95 16.58 23.19
C MET T 10 0.21 16.54 24.52
N ASP T 11 -0.36 17.67 24.91
CA ASP T 11 -0.99 17.80 26.22
C ASP T 11 -2.48 18.11 26.07
N ARG T 12 -3.22 17.81 27.13
CA ARG T 12 -4.64 18.13 27.25
C ARG T 12 -5.43 17.57 26.06
N ILE T 13 -5.43 16.25 25.96
CA ILE T 13 -6.15 15.56 24.89
C ILE T 13 -7.50 15.11 25.43
N GLY T 14 -8.50 15.13 24.57
CA GLY T 14 -9.85 14.79 24.98
C GLY T 14 -10.04 13.30 25.22
N ALA T 15 -11.22 12.98 25.73
CA ALA T 15 -11.55 11.59 26.02
C ALA T 15 -11.81 10.81 24.73
N GLN T 16 -11.45 9.52 24.76
CA GLN T 16 -11.63 8.62 23.63
C GLN T 16 -10.94 9.15 22.37
N SER T 17 -9.78 9.77 22.57
CA SER T 17 -9.03 10.38 21.48
C SER T 17 -7.86 9.51 21.06
N GLY T 18 -7.69 9.36 19.75
CA GLY T 18 -6.62 8.56 19.19
C GLY T 18 -5.44 9.45 18.80
N LEU T 19 -4.24 8.90 18.93
CA LEU T 19 -3.00 9.63 18.67
C LEU T 19 -2.08 8.81 17.78
N GLY T 20 -2.62 8.34 16.65
CA GLY T 20 -1.79 7.69 15.65
C GLY T 20 -2.13 6.24 15.36
N CYS T 21 -2.70 6.01 14.18
CA CYS T 21 -2.96 4.67 13.66
C CYS T 21 -3.78 3.82 14.62
N ASN T 22 -4.72 4.43 15.35
CA ASN T 22 -5.54 3.73 16.31
C ASN T 22 -6.90 3.42 15.69
N SER T 23 -7.31 2.17 15.79
CA SER T 23 -8.60 1.72 15.27
C SER T 23 -9.62 1.70 16.40
N PHE T 24 -10.81 2.23 16.13
CA PHE T 24 -11.90 2.25 17.09
C PHE T 24 -13.14 1.64 16.46
N ARG T 25 -13.99 1.05 17.29
CA ARG T 25 -15.24 0.48 16.82
C ARG T 25 -16.21 0.47 18.00
N TYR T 26 -17.15 1.41 17.99
CA TYR T 26 -18.13 1.52 19.06
C TYR T 26 -19.37 0.69 18.74
#